data_1U5G
#
_entry.id   1U5G
#
_cell.length_a   59.613
_cell.length_b   65.695
_cell.length_c   143.767
_cell.angle_alpha   90.00
_cell.angle_beta   90.00
_cell.angle_gamma   90.00
#
_symmetry.space_group_name_H-M   'P 21 21 21'
#
loop_
_entity.id
_entity.type
_entity.pdbx_description
1 polymer 'Src-associated adaptor protein'
2 water water
#
_entity_poly.entity_id   1
_entity_poly.type   'polypeptide(L)'
_entity_poly.pdbx_seq_one_letter_code
;GSGNQFPPIAAQDLPFVIKAGYLEKRRKDHSFLGFEWQKRWCALSKTVFYYYGSDKDKQQKGEFAIDGYDVRMNNTLRKD
GKKDCCFEICAPDKRIYQFTAASPKDAEEWVQQLKFILQDLG
;
_entity_poly.pdbx_strand_id   A,B,C,D
#
# COMPACT_ATOMS: atom_id res chain seq x y z
N GLN A 5 -4.86 10.22 -11.42
CA GLN A 5 -3.51 10.79 -11.08
C GLN A 5 -3.60 12.04 -10.14
N PHE A 6 -3.21 13.26 -10.60
CA PHE A 6 -2.53 14.33 -9.75
C PHE A 6 -3.19 15.02 -8.46
N PRO A 7 -4.51 15.31 -8.38
CA PRO A 7 -4.99 16.20 -7.29
C PRO A 7 -4.81 15.62 -5.82
N PRO A 8 -4.10 16.35 -4.95
CA PRO A 8 -3.96 15.91 -3.55
C PRO A 8 -5.29 15.60 -2.89
N ILE A 9 -5.55 14.33 -2.58
CA ILE A 9 -6.75 13.93 -1.83
C ILE A 9 -6.28 13.22 -0.53
N ALA A 10 -7.16 13.22 0.45
CA ALA A 10 -6.96 12.60 1.72
C ALA A 10 -7.31 11.18 1.62
N ALA A 11 -6.62 10.31 2.39
CA ALA A 11 -6.92 8.88 2.41
C ALA A 11 -8.39 8.52 2.69
N GLN A 12 -8.92 9.13 3.75
CA GLN A 12 -10.29 8.90 4.17
C GLN A 12 -11.33 9.58 3.24
N ASP A 13 -10.90 10.57 2.48
CA ASP A 13 -11.74 11.12 1.40
C ASP A 13 -11.77 10.44 0.02
N LEU A 14 -11.05 9.34 -0.21
CA LEU A 14 -11.01 8.75 -1.56
C LEU A 14 -12.36 8.13 -1.93
N PRO A 15 -12.77 8.31 -3.19
CA PRO A 15 -13.96 7.63 -3.70
C PRO A 15 -13.81 6.13 -4.05
N PHE A 16 -14.93 5.42 -3.80
CA PHE A 16 -15.12 3.93 -3.98
C PHE A 16 -13.83 3.18 -3.77
N VAL A 17 -13.49 3.05 -2.50
CA VAL A 17 -12.18 2.26 -2.38
C VAL A 17 -12.54 0.79 -2.58
N ILE A 18 -12.02 0.19 -3.64
CA ILE A 18 -12.13 -1.24 -3.83
C ILE A 18 -11.26 -2.06 -2.85
N LYS A 19 -10.06 -1.62 -2.57
CA LYS A 19 -9.29 -2.31 -1.52
C LYS A 19 -8.21 -1.41 -0.96
N ALA A 20 -7.92 -1.60 0.30
CA ALA A 20 -6.99 -0.73 0.99
C ALA A 20 -6.40 -1.47 2.14
N GLY A 21 -5.21 -1.05 2.53
CA GLY A 21 -4.45 -1.75 3.57
C GLY A 21 -3.01 -1.28 3.55
N TYR A 22 -2.27 -1.68 4.56
CA TYR A 22 -0.84 -1.42 4.57
C TYR A 22 -0.10 -2.51 3.73
N LEU A 23 0.90 -2.03 3.05
CA LEU A 23 1.81 -2.80 2.16
C LEU A 23 3.17 -2.21 2.38
N GLU A 24 4.26 -2.96 2.19
CA GLU A 24 5.56 -2.31 2.06
C GLU A 24 5.79 -2.15 0.57
N LYS A 25 6.25 -0.98 0.21
CA LYS A 25 6.49 -0.59 -1.13
C LYS A 25 7.99 -0.45 -1.29
N ARG A 26 8.51 -1.04 -2.35
CA ARG A 26 9.91 -0.97 -2.59
C ARG A 26 10.32 0.40 -3.03
N ARG A 27 11.43 0.87 -2.51
CA ARG A 27 12.05 2.15 -2.92
C ARG A 27 12.42 2.15 -4.42
N LYS A 28 12.36 3.31 -5.06
CA LYS A 28 12.63 3.48 -6.50
C LYS A 28 14.06 3.02 -6.85
N ASP A 29 15.05 3.52 -6.09
CA ASP A 29 16.47 3.21 -6.35
C ASP A 29 17.19 2.72 -5.05
N HIS A 30 18.52 2.92 -4.98
CA HIS A 30 19.48 2.10 -4.14
C HIS A 30 20.12 2.65 -2.81
N SER A 31 20.36 3.96 -2.68
CA SER A 31 21.00 4.49 -1.45
C SER A 31 19.91 4.85 -0.41
N PHE A 32 19.62 3.90 0.48
CA PHE A 32 18.42 3.92 1.36
C PHE A 32 18.70 3.46 2.82
N LEU A 33 19.36 4.33 3.59
CA LEU A 33 19.72 4.13 5.04
C LEU A 33 18.60 3.46 5.92
N GLY A 34 18.88 2.27 6.45
CA GLY A 34 17.85 1.50 7.14
C GLY A 34 17.13 0.55 6.20
N PHE A 35 16.39 1.08 5.18
CA PHE A 35 15.48 0.27 4.35
C PHE A 35 15.13 0.56 2.78
N GLU A 36 15.15 -0.52 1.99
CA GLU A 36 14.55 -0.54 0.66
C GLU A 36 12.99 -0.80 0.73
N TRP A 37 12.46 -1.34 1.82
CA TRP A 37 11.02 -1.59 2.03
C TRP A 37 10.35 -0.60 3.06
N GLN A 38 9.33 0.13 2.61
CA GLN A 38 8.63 1.22 3.39
C GLN A 38 7.10 0.99 3.50
N LYS A 39 6.60 0.91 4.71
CA LYS A 39 5.18 0.73 5.01
C LYS A 39 4.43 1.93 4.48
N ARG A 40 3.46 1.62 3.67
CA ARG A 40 2.59 2.63 3.08
C ARG A 40 1.18 2.12 3.17
N TRP A 41 0.24 3.08 3.44
CA TRP A 41 -1.19 2.86 3.30
C TRP A 41 -1.56 3.00 1.81
N CYS A 42 -2.10 1.95 1.25
CA CYS A 42 -2.34 1.91 -0.18
C CYS A 42 -3.79 1.67 -0.37
N ALA A 43 -4.35 2.30 -1.40
CA ALA A 43 -5.76 2.16 -1.67
C ALA A 43 -6.02 2.14 -3.16
N LEU A 44 -6.85 1.21 -3.62
CA LEU A 44 -7.30 1.25 -5.01
C LEU A 44 -8.59 2.07 -5.11
N SER A 45 -8.47 3.33 -5.56
CA SER A 45 -9.62 4.20 -5.88
C SER A 45 -10.10 4.11 -7.31
N LYS A 46 -11.12 3.32 -7.54
CA LYS A 46 -11.49 2.99 -8.92
C LYS A 46 -10.31 2.29 -9.67
N THR A 47 -9.60 3.05 -10.50
CA THR A 47 -8.50 2.53 -11.32
C THR A 47 -7.21 3.21 -11.00
N VAL A 48 -7.21 4.04 -9.94
CA VAL A 48 -5.96 4.72 -9.51
C VAL A 48 -5.50 4.13 -8.13
N PHE A 49 -4.20 3.83 -8.06
CA PHE A 49 -3.58 3.13 -6.91
C PHE A 49 -2.94 4.25 -6.19
N TYR A 50 -3.44 4.51 -5.00
CA TYR A 50 -2.82 5.56 -4.22
C TYR A 50 -2.03 4.97 -3.05
N TYR A 51 -1.05 5.71 -2.58
CA TYR A 51 -0.24 5.29 -1.49
C TYR A 51 0.18 6.38 -0.56
N TYR A 52 0.01 6.11 0.70
CA TYR A 52 0.21 7.15 1.75
C TYR A 52 1.11 6.66 2.88
N GLY A 53 1.54 7.61 3.68
CA GLY A 53 2.20 7.37 4.95
C GLY A 53 1.33 6.64 5.95
N SER A 54 0.11 7.15 6.14
CA SER A 54 -0.79 6.53 7.04
C SER A 54 -2.17 6.68 6.45
N ASP A 55 -3.10 5.90 6.97
CA ASP A 55 -4.52 5.88 6.55
C ASP A 55 -5.27 7.15 6.93
N LYS A 56 -4.64 8.07 7.62
CA LYS A 56 -5.24 9.41 7.84
C LYS A 56 -4.43 10.57 7.28
N ASP A 57 -3.42 10.35 6.46
CA ASP A 57 -2.78 11.50 5.87
C ASP A 57 -3.82 12.31 4.99
N LYS A 58 -3.53 13.59 4.83
CA LYS A 58 -4.41 14.49 4.10
C LYS A 58 -3.90 14.58 2.67
N GLN A 59 -2.85 13.84 2.33
CA GLN A 59 -2.20 13.95 0.99
C GLN A 59 -1.40 12.64 0.70
N GLN A 60 -1.53 12.06 -0.50
CA GLN A 60 -0.75 10.88 -0.98
C GLN A 60 0.71 11.19 -1.17
N LYS A 61 1.55 10.21 -0.91
CA LYS A 61 2.93 10.35 -1.33
C LYS A 61 2.96 10.23 -2.85
N GLY A 62 2.07 9.47 -3.43
CA GLY A 62 2.01 9.41 -4.88
C GLY A 62 0.82 8.56 -5.25
N GLU A 63 0.65 8.38 -6.56
CA GLU A 63 -0.41 7.56 -7.13
C GLU A 63 -0.14 7.11 -8.57
N PHE A 64 -0.91 6.16 -9.12
CA PHE A 64 -0.74 5.86 -10.53
C PHE A 64 -1.93 5.13 -11.05
N ALA A 65 -2.28 5.40 -12.29
CA ALA A 65 -3.41 4.71 -12.93
C ALA A 65 -2.99 3.28 -13.25
N ILE A 66 -3.88 2.31 -13.17
CA ILE A 66 -3.44 0.95 -13.41
C ILE A 66 -3.58 0.51 -14.88
N ASP A 67 -4.25 1.33 -15.72
CA ASP A 67 -4.22 1.25 -17.21
C ASP A 67 -2.94 0.73 -17.94
N GLY A 68 -3.05 -0.43 -18.56
CA GLY A 68 -1.98 -0.98 -19.39
C GLY A 68 -1.01 -1.91 -18.62
N TYR A 69 -1.23 -1.99 -17.30
CA TYR A 69 -0.31 -2.62 -16.36
C TYR A 69 -0.84 -4.01 -16.22
N ASP A 70 0.06 -4.94 -15.85
CA ASP A 70 -0.27 -6.29 -15.44
C ASP A 70 0.25 -6.33 -14.02
N VAL A 71 -0.03 -7.46 -13.38
CA VAL A 71 0.22 -7.67 -12.00
C VAL A 71 0.38 -9.16 -11.76
N ARG A 72 1.42 -9.50 -11.02
CA ARG A 72 1.81 -10.88 -10.72
C ARG A 72 2.59 -10.91 -9.34
N MET A 73 2.47 -12.02 -8.67
CA MET A 73 3.37 -12.46 -7.62
C MET A 73 4.81 -12.51 -8.24
N ASN A 74 5.78 -12.13 -7.45
CA ASN A 74 7.18 -12.15 -7.81
C ASN A 74 8.01 -12.45 -6.57
N ASN A 75 8.38 -13.72 -6.39
CA ASN A 75 9.13 -14.13 -5.17
C ASN A 75 10.62 -13.92 -5.27
N THR A 76 11.10 -13.14 -6.25
CA THR A 76 12.51 -12.77 -6.33
C THR A 76 12.82 -11.39 -5.68
N LEU A 77 11.80 -10.65 -5.25
CA LEU A 77 12.05 -9.23 -4.90
C LEU A 77 12.62 -9.14 -3.56
N ARG A 78 12.57 -10.21 -2.77
CA ARG A 78 13.34 -10.32 -1.52
C ARG A 78 14.14 -11.59 -1.47
N LYS A 79 15.16 -11.62 -0.61
CA LYS A 79 15.93 -12.87 -0.32
C LYS A 79 15.42 -13.62 0.95
N ASP A 80 14.80 -12.88 1.86
CA ASP A 80 14.29 -13.41 3.13
C ASP A 80 13.05 -14.24 2.95
N GLY A 81 12.42 -14.63 4.06
CA GLY A 81 11.28 -15.56 3.99
C GLY A 81 9.96 -14.86 3.60
N LYS A 82 10.01 -13.53 3.64
CA LYS A 82 8.86 -12.70 3.25
C LYS A 82 8.61 -12.68 1.69
N LYS A 83 9.56 -13.21 0.89
CA LYS A 83 9.48 -13.32 -0.60
C LYS A 83 8.16 -13.88 -1.13
N ASP A 84 7.58 -14.79 -0.37
CA ASP A 84 6.31 -15.37 -0.67
C ASP A 84 5.17 -14.37 -0.56
N CYS A 85 5.44 -13.17 -0.08
CA CYS A 85 4.42 -12.17 0.07
C CYS A 85 4.55 -11.08 -0.96
N CYS A 86 5.38 -11.27 -1.99
CA CYS A 86 5.81 -10.12 -2.80
C CYS A 86 5.01 -10.10 -4.11
N PHE A 87 4.62 -8.92 -4.58
CA PHE A 87 3.99 -8.83 -5.89
C PHE A 87 4.33 -7.54 -6.50
N GLU A 88 4.07 -7.41 -7.79
CA GLU A 88 4.45 -6.21 -8.47
C GLU A 88 3.41 -5.84 -9.47
N ILE A 89 3.40 -4.56 -9.81
CA ILE A 89 2.52 -4.00 -10.86
C ILE A 89 3.46 -3.48 -11.91
N CYS A 90 3.39 -4.09 -13.11
CA CYS A 90 4.47 -3.90 -14.09
C CYS A 90 4.02 -3.87 -15.55
N ALA A 91 4.87 -3.28 -16.39
CA ALA A 91 4.62 -3.07 -17.83
C ALA A 91 5.93 -2.62 -18.52
N PRO A 92 6.21 -3.05 -19.77
CA PRO A 92 7.54 -2.86 -20.40
C PRO A 92 8.12 -1.43 -20.54
N ASP A 93 7.20 -0.47 -20.53
CA ASP A 93 7.47 0.95 -20.80
C ASP A 93 7.26 1.84 -19.53
N LYS A 94 6.54 1.26 -18.55
CA LYS A 94 6.13 1.96 -17.34
C LYS A 94 7.09 1.76 -16.20
N ARG A 95 7.01 2.67 -15.24
CA ARG A 95 7.50 2.48 -13.88
C ARG A 95 6.85 1.24 -13.22
N ILE A 96 7.72 0.36 -12.74
CA ILE A 96 7.35 -0.84 -12.05
C ILE A 96 7.15 -0.46 -10.56
N TYR A 97 6.06 -0.93 -9.95
CA TYR A 97 5.79 -0.76 -8.54
C TYR A 97 5.85 -2.13 -7.88
N GLN A 98 6.60 -2.25 -6.80
CA GLN A 98 6.76 -3.50 -6.12
C GLN A 98 6.41 -3.46 -4.65
N PHE A 99 5.79 -4.53 -4.12
CA PHE A 99 5.30 -4.52 -2.78
C PHE A 99 5.53 -5.80 -2.02
N THR A 100 5.44 -5.74 -0.67
CA THR A 100 5.30 -6.97 0.14
C THR A 100 4.09 -6.85 0.98
N ALA A 101 3.24 -7.87 0.99
CA ALA A 101 2.05 -7.85 1.86
C ALA A 101 2.34 -8.61 3.18
N ALA A 102 1.27 -8.85 3.92
CA ALA A 102 1.32 -9.29 5.28
C ALA A 102 1.44 -10.80 5.34
N SER A 103 1.07 -11.49 4.28
CA SER A 103 0.93 -12.94 4.24
C SER A 103 0.77 -13.31 2.75
N PRO A 104 1.09 -14.55 2.37
CA PRO A 104 0.85 -14.92 0.98
C PRO A 104 -0.62 -14.66 0.57
N LYS A 105 -1.58 -14.82 1.51
CA LYS A 105 -2.98 -14.83 1.17
C LYS A 105 -3.35 -13.39 0.79
N ASP A 106 -2.75 -12.47 1.51
CA ASP A 106 -3.00 -11.06 1.31
C ASP A 106 -2.35 -10.58 0.00
N ALA A 107 -1.11 -10.99 -0.28
CA ALA A 107 -0.52 -10.63 -1.53
C ALA A 107 -1.42 -11.18 -2.64
N GLU A 108 -1.93 -12.40 -2.46
CA GLU A 108 -2.77 -13.04 -3.53
C GLU A 108 -4.08 -12.28 -3.70
N GLU A 109 -4.58 -11.67 -2.64
CA GLU A 109 -5.88 -10.96 -2.69
C GLU A 109 -5.69 -9.69 -3.39
N TRP A 110 -4.65 -8.96 -3.03
CA TRP A 110 -4.30 -7.80 -3.81
C TRP A 110 -4.17 -8.06 -5.32
N VAL A 111 -3.49 -9.12 -5.70
CA VAL A 111 -3.21 -9.42 -7.09
C VAL A 111 -4.54 -9.81 -7.78
N GLN A 112 -5.27 -10.75 -7.18
CA GLN A 112 -6.64 -11.12 -7.53
C GLN A 112 -7.55 -9.83 -7.72
N GLN A 113 -7.54 -8.91 -6.77
CA GLN A 113 -8.39 -7.75 -6.90
C GLN A 113 -7.91 -6.78 -8.05
N LEU A 114 -6.62 -6.43 -8.12
CA LEU A 114 -6.08 -5.67 -9.25
C LEU A 114 -6.33 -6.32 -10.65
N LYS A 115 -6.32 -7.65 -10.67
CA LYS A 115 -6.60 -8.41 -11.91
C LYS A 115 -8.08 -8.41 -12.34
N PHE A 116 -8.99 -8.49 -11.38
CA PHE A 116 -10.43 -8.66 -11.63
C PHE A 116 -10.83 -7.33 -12.30
N ILE A 117 -10.04 -6.28 -12.03
CA ILE A 117 -10.23 -4.94 -12.60
C ILE A 117 -9.43 -4.72 -13.86
N LEU A 118 -8.33 -5.46 -14.07
CA LEU A 118 -7.60 -5.24 -15.30
C LEU A 118 -8.34 -5.82 -16.55
N GLN A 119 -9.38 -6.63 -16.30
CA GLN A 119 -10.40 -7.06 -17.29
C GLN A 119 -11.27 -5.92 -17.95
N GLN B 5 -13.32 21.76 -6.45
CA GLN B 5 -13.74 22.99 -7.09
C GLN B 5 -13.89 22.73 -8.59
N PHE B 6 -12.76 22.50 -9.22
CA PHE B 6 -12.65 22.74 -10.61
C PHE B 6 -13.10 21.38 -11.21
N PRO B 7 -12.54 20.21 -10.89
CA PRO B 7 -12.86 19.03 -11.71
C PRO B 7 -14.18 18.35 -11.36
N PRO B 8 -14.64 17.51 -12.29
CA PRO B 8 -15.88 16.76 -12.06
C PRO B 8 -15.82 15.75 -10.94
N ILE B 9 -16.86 15.65 -10.14
CA ILE B 9 -16.91 14.64 -9.07
C ILE B 9 -18.33 14.24 -8.88
N ALA B 10 -18.58 12.96 -8.68
CA ALA B 10 -19.89 12.47 -8.41
C ALA B 10 -20.42 13.02 -7.14
N ALA B 11 -21.73 13.27 -7.09
CA ALA B 11 -22.40 13.67 -5.87
C ALA B 11 -22.02 12.78 -4.72
N GLN B 12 -22.11 11.48 -4.98
CA GLN B 12 -21.91 10.48 -3.92
C GLN B 12 -20.44 10.37 -3.55
N ASP B 13 -19.49 10.89 -4.31
CA ASP B 13 -18.05 10.92 -3.99
C ASP B 13 -17.56 12.20 -3.31
N LEU B 14 -18.35 13.28 -3.26
CA LEU B 14 -17.97 14.43 -2.39
C LEU B 14 -17.66 14.09 -0.93
N PRO B 15 -16.48 14.48 -0.49
CA PRO B 15 -15.95 14.45 0.82
C PRO B 15 -16.46 15.64 1.61
N PHE B 16 -16.36 15.49 2.93
CA PHE B 16 -16.57 16.56 3.82
C PHE B 16 -17.87 17.28 3.53
N VAL B 17 -18.91 16.48 3.33
CA VAL B 17 -20.26 17.02 3.09
C VAL B 17 -20.85 17.60 4.35
N ILE B 18 -20.87 18.94 4.46
CA ILE B 18 -21.43 19.57 5.64
C ILE B 18 -23.01 19.67 5.72
N LYS B 19 -23.60 19.86 4.53
CA LYS B 19 -25.03 19.89 4.29
C LYS B 19 -25.34 19.64 2.83
N ALA B 20 -26.39 18.83 2.57
CA ALA B 20 -26.82 18.39 1.28
C ALA B 20 -28.36 18.30 1.26
N GLY B 21 -28.98 18.68 0.10
CA GLY B 21 -30.45 18.62 -0.01
C GLY B 21 -30.88 19.22 -1.34
N TYR B 22 -32.18 19.09 -1.65
CA TYR B 22 -32.72 19.49 -2.93
C TYR B 22 -33.10 20.93 -2.63
N LEU B 23 -32.74 21.86 -3.50
CA LEU B 23 -33.25 23.22 -3.36
C LEU B 23 -33.72 23.58 -4.83
N GLU B 24 -34.62 24.53 -5.01
CA GLU B 24 -34.59 25.25 -6.27
C GLU B 24 -33.54 26.33 -6.39
N LYS B 25 -32.80 26.34 -7.51
CA LYS B 25 -31.84 27.44 -7.74
C LYS B 25 -32.29 28.28 -8.85
N ARG B 26 -32.16 29.58 -8.75
CA ARG B 26 -32.62 30.46 -9.79
C ARG B 26 -31.62 30.55 -10.85
N ARG B 27 -32.07 30.34 -12.09
CA ARG B 27 -31.13 30.17 -13.18
C ARG B 27 -30.62 31.54 -13.67
N LYS B 28 -29.56 31.51 -14.41
CA LYS B 28 -29.04 32.72 -14.98
C LYS B 28 -29.28 32.88 -16.48
N ASP B 29 -29.66 31.84 -17.18
CA ASP B 29 -29.73 31.88 -18.63
C ASP B 29 -31.12 32.16 -19.10
N HIS B 30 -31.24 32.45 -20.40
CA HIS B 30 -32.52 32.82 -21.01
C HIS B 30 -33.45 31.67 -20.96
N SER B 31 -34.76 31.85 -20.97
CA SER B 31 -35.61 30.70 -21.33
C SER B 31 -36.81 31.28 -21.98
N PHE B 32 -37.48 30.50 -22.82
CA PHE B 32 -38.75 30.94 -23.44
C PHE B 32 -39.98 30.81 -22.64
N LEU B 33 -40.07 29.80 -21.77
CA LEU B 33 -41.31 29.68 -20.92
C LEU B 33 -41.20 30.48 -19.67
N GLY B 34 -40.03 31.03 -19.38
CA GLY B 34 -39.86 31.92 -18.22
C GLY B 34 -39.91 31.29 -16.84
N PHE B 35 -39.75 29.97 -16.71
CA PHE B 35 -39.61 29.28 -15.42
C PHE B 35 -38.17 29.47 -14.91
N GLU B 36 -38.00 30.32 -13.94
CA GLU B 36 -36.63 30.68 -13.45
C GLU B 36 -36.00 29.71 -12.48
N TRP B 37 -36.78 28.80 -11.84
CA TRP B 37 -36.31 28.06 -10.66
C TRP B 37 -36.14 26.62 -11.03
N GLN B 38 -34.98 26.03 -10.77
CA GLN B 38 -34.73 24.64 -11.25
C GLN B 38 -34.33 23.87 -10.06
N LYS B 39 -34.95 22.70 -9.93
CA LYS B 39 -34.63 21.74 -8.87
C LYS B 39 -33.21 21.20 -9.01
N ARG B 40 -32.46 21.33 -7.91
CA ARG B 40 -31.06 20.93 -7.95
C ARG B 40 -30.72 20.15 -6.65
N TRP B 41 -29.89 19.14 -6.75
CA TRP B 41 -29.36 18.57 -5.45
C TRP B 41 -28.13 19.35 -5.12
N CYS B 42 -28.16 20.03 -3.98
CA CYS B 42 -27.06 20.99 -3.57
C CYS B 42 -26.35 20.40 -2.34
N ALA B 43 -25.04 20.50 -2.30
CA ALA B 43 -24.19 19.94 -1.25
C ALA B 43 -22.98 20.87 -1.00
N LEU B 44 -22.84 21.32 0.25
CA LEU B 44 -21.65 22.06 0.61
C LEU B 44 -20.55 21.10 1.02
N SER B 45 -19.47 21.02 0.23
CA SER B 45 -18.38 20.06 0.55
C SER B 45 -17.22 20.90 1.10
N LYS B 46 -17.08 20.93 2.40
CA LYS B 46 -16.21 21.91 3.02
C LYS B 46 -16.50 23.35 2.67
N THR B 47 -15.67 24.05 1.90
CA THR B 47 -16.08 25.37 1.52
C THR B 47 -16.61 25.56 0.06
N VAL B 48 -16.88 24.46 -0.70
CA VAL B 48 -17.31 24.62 -2.07
C VAL B 48 -18.72 24.13 -2.21
N PHE B 49 -19.61 24.99 -2.73
CA PHE B 49 -21.02 24.63 -2.84
C PHE B 49 -21.22 24.02 -4.23
N TYR B 50 -21.67 22.74 -4.31
CA TYR B 50 -21.86 21.97 -5.58
C TYR B 50 -23.33 21.79 -5.85
N TYR B 51 -23.69 21.81 -7.13
CA TYR B 51 -25.11 21.56 -7.45
C TYR B 51 -25.17 20.59 -8.65
N TYR B 52 -26.15 19.68 -8.56
CA TYR B 52 -26.39 18.57 -9.48
C TYR B 52 -27.89 18.47 -9.86
N GLY B 53 -28.22 17.70 -10.92
CA GLY B 53 -29.62 17.33 -11.19
C GLY B 53 -30.22 16.44 -10.14
N SER B 54 -29.49 15.37 -9.74
CA SER B 54 -29.94 14.52 -8.67
C SER B 54 -28.74 14.15 -7.76
N ASP B 55 -29.01 13.65 -6.57
CA ASP B 55 -27.99 13.08 -5.71
C ASP B 55 -27.37 11.73 -6.17
N LYS B 56 -27.76 11.17 -7.32
CA LYS B 56 -26.86 10.18 -8.01
C LYS B 56 -26.06 10.57 -9.23
N ASP B 57 -26.01 11.83 -9.63
CA ASP B 57 -25.23 12.19 -10.78
C ASP B 57 -23.67 11.92 -10.64
N LYS B 58 -23.01 11.79 -11.78
CA LYS B 58 -21.59 11.41 -11.90
C LYS B 58 -20.71 12.67 -12.01
N GLN B 59 -21.36 13.78 -12.34
CA GLN B 59 -20.76 15.07 -12.57
C GLN B 59 -21.73 16.25 -12.14
N GLN B 60 -21.21 17.30 -11.50
CA GLN B 60 -22.04 18.45 -11.04
C GLN B 60 -22.38 19.32 -12.20
N LYS B 61 -23.47 20.05 -12.10
CA LYS B 61 -23.74 21.14 -13.10
C LYS B 61 -22.88 22.28 -12.90
N GLY B 62 -22.31 22.40 -11.69
CA GLY B 62 -21.59 23.58 -11.33
C GLY B 62 -21.25 23.64 -9.82
N GLU B 63 -20.43 24.61 -9.48
CA GLU B 63 -19.95 24.78 -8.11
C GLU B 63 -19.38 26.20 -7.94
N PHE B 64 -19.25 26.60 -6.66
CA PHE B 64 -18.53 27.85 -6.32
C PHE B 64 -17.99 27.71 -4.90
N ALA B 65 -16.88 28.41 -4.70
CA ALA B 65 -16.26 28.52 -3.36
C ALA B 65 -17.05 29.57 -2.64
N ILE B 66 -17.40 29.33 -1.38
CA ILE B 66 -18.14 30.32 -0.63
C ILE B 66 -17.31 31.46 -0.06
N ASP B 67 -16.00 31.43 -0.23
CA ASP B 67 -15.12 32.49 0.30
C ASP B 67 -15.61 33.90 -0.07
N GLY B 68 -15.73 34.82 0.89
CA GLY B 68 -15.98 36.21 0.65
C GLY B 68 -17.49 36.50 0.44
N TYR B 69 -18.34 35.49 0.57
CA TYR B 69 -19.79 35.70 0.45
C TYR B 69 -20.37 35.97 1.82
N ASP B 70 -21.54 36.53 1.81
CA ASP B 70 -22.52 36.53 2.90
C ASP B 70 -23.73 35.68 2.47
N VAL B 71 -24.60 35.33 3.38
CA VAL B 71 -25.79 34.61 3.13
C VAL B 71 -26.96 35.25 3.95
N ARG B 72 -28.15 35.30 3.39
CA ARG B 72 -29.35 35.83 4.12
C ARG B 72 -30.66 35.35 3.43
N MET B 73 -31.71 35.28 4.23
CA MET B 73 -33.03 35.14 3.72
C MET B 73 -33.38 36.35 2.83
N ASN B 74 -34.12 36.14 1.76
CA ASN B 74 -34.58 37.25 0.91
C ASN B 74 -35.93 36.93 0.26
N ASN B 75 -37.03 37.53 0.77
CA ASN B 75 -38.36 37.28 0.24
C ASN B 75 -38.79 38.10 -0.96
N THR B 76 -37.88 38.84 -1.61
CA THR B 76 -38.17 39.44 -2.88
C THR B 76 -37.85 38.54 -4.14
N LEU B 77 -37.36 37.30 -3.96
CA LEU B 77 -36.79 36.59 -5.07
C LEU B 77 -37.86 36.01 -5.94
N ARG B 78 -39.06 35.94 -5.39
CA ARG B 78 -40.20 35.57 -6.24
C ARG B 78 -41.44 36.19 -5.62
N LYS B 79 -42.55 36.16 -6.36
CA LYS B 79 -43.80 36.71 -5.82
C LYS B 79 -44.80 35.69 -5.36
N ASP B 80 -44.69 34.39 -5.64
CA ASP B 80 -45.72 33.52 -5.14
C ASP B 80 -45.59 33.11 -3.63
N GLY B 81 -46.43 32.18 -3.18
CA GLY B 81 -46.40 31.77 -1.77
C GLY B 81 -45.06 31.13 -1.25
N LYS B 82 -44.16 30.74 -2.14
CA LYS B 82 -42.89 30.14 -1.70
C LYS B 82 -41.85 31.25 -1.37
N LYS B 83 -42.15 32.55 -1.55
CA LYS B 83 -41.17 33.61 -1.35
C LYS B 83 -40.56 33.59 0.04
N ASP B 84 -41.22 32.93 0.99
CA ASP B 84 -40.67 32.88 2.35
C ASP B 84 -39.69 31.77 2.55
N CYS B 85 -39.46 31.02 1.46
CA CYS B 85 -38.46 29.97 1.53
C CYS B 85 -37.21 30.36 0.79
N CYS B 86 -37.07 31.61 0.37
CA CYS B 86 -35.92 31.98 -0.44
C CYS B 86 -34.75 32.53 0.35
N PHE B 87 -33.56 32.25 -0.16
CA PHE B 87 -32.30 32.84 0.45
C PHE B 87 -31.31 32.97 -0.64
N GLU B 88 -30.32 33.77 -0.38
CA GLU B 88 -29.24 33.97 -1.30
C GLU B 88 -27.89 33.94 -0.67
N ILE B 89 -26.92 33.59 -1.48
CA ILE B 89 -25.48 33.76 -1.12
C ILE B 89 -24.95 34.83 -2.06
N CYS B 90 -24.53 35.94 -1.48
CA CYS B 90 -24.30 37.22 -2.15
C CYS B 90 -23.13 37.96 -1.66
N ALA B 91 -22.62 38.77 -2.51
CA ALA B 91 -21.57 39.70 -2.18
C ALA B 91 -21.65 40.78 -3.22
N PRO B 92 -21.11 41.96 -2.85
CA PRO B 92 -21.03 43.09 -3.79
C PRO B 92 -20.29 42.78 -5.06
N ASP B 93 -19.24 42.00 -5.07
CA ASP B 93 -18.44 41.96 -6.31
C ASP B 93 -18.45 40.59 -6.93
N LYS B 94 -19.48 39.75 -6.70
CA LYS B 94 -19.48 38.33 -7.13
C LYS B 94 -20.85 37.93 -7.64
N ARG B 95 -20.87 36.88 -8.41
CA ARG B 95 -22.14 36.25 -8.89
C ARG B 95 -22.97 35.92 -7.66
N ILE B 96 -24.18 36.38 -7.63
CA ILE B 96 -25.15 36.01 -6.66
C ILE B 96 -25.91 34.65 -6.98
N TYR B 97 -26.03 33.80 -6.00
CA TYR B 97 -26.74 32.51 -6.22
C TYR B 97 -27.98 32.55 -5.32
N GLN B 98 -29.15 32.15 -5.86
CA GLN B 98 -30.42 32.40 -5.17
C GLN B 98 -31.15 31.13 -5.19
N PHE B 99 -31.80 30.87 -4.04
CA PHE B 99 -32.45 29.55 -3.75
C PHE B 99 -33.83 29.63 -3.21
N THR B 100 -34.63 28.57 -3.49
CA THR B 100 -35.90 28.33 -2.85
C THR B 100 -35.89 27.01 -2.16
N ALA B 101 -36.05 26.99 -0.83
CA ALA B 101 -35.98 25.78 -0.04
C ALA B 101 -37.37 25.15 0.18
N ALA B 102 -37.47 23.99 0.82
CA ALA B 102 -38.84 23.27 0.95
C ALA B 102 -39.82 23.99 1.95
N SER B 103 -39.28 24.81 2.84
CA SER B 103 -40.06 25.49 3.87
C SER B 103 -39.25 26.73 4.42
N PRO B 104 -39.90 27.71 5.07
CA PRO B 104 -39.10 28.73 5.82
C PRO B 104 -37.97 28.10 6.64
N LYS B 105 -38.29 27.04 7.38
CA LYS B 105 -37.36 26.45 8.35
C LYS B 105 -36.19 25.84 7.57
N ASP B 106 -36.41 25.09 6.51
CA ASP B 106 -35.30 24.59 5.59
C ASP B 106 -34.39 25.73 5.17
N ALA B 107 -34.99 26.84 4.78
CA ALA B 107 -34.28 27.99 4.29
C ALA B 107 -33.33 28.45 5.40
N GLU B 108 -33.86 28.60 6.61
CA GLU B 108 -33.12 29.27 7.70
C GLU B 108 -32.08 28.35 8.14
N GLU B 109 -32.34 27.05 8.04
CA GLU B 109 -31.30 26.13 8.33
C GLU B 109 -30.10 26.15 7.30
N TRP B 110 -30.42 26.27 6.01
CA TRP B 110 -29.36 26.52 5.02
C TRP B 110 -28.58 27.77 5.35
N VAL B 111 -29.28 28.80 5.66
CA VAL B 111 -28.67 30.10 5.87
C VAL B 111 -27.73 30.06 7.15
N GLN B 112 -28.23 29.44 8.23
CA GLN B 112 -27.48 29.32 9.44
C GLN B 112 -26.26 28.47 9.24
N GLN B 113 -26.40 27.33 8.58
CA GLN B 113 -25.25 26.49 8.33
C GLN B 113 -24.15 27.14 7.46
N LEU B 114 -24.57 27.87 6.44
CA LEU B 114 -23.63 28.52 5.53
C LEU B 114 -22.93 29.65 6.33
N LYS B 115 -23.74 30.33 7.11
CA LYS B 115 -23.18 31.37 7.87
C LYS B 115 -22.12 30.94 8.88
N PHE B 116 -22.36 29.80 9.46
CA PHE B 116 -21.38 29.23 10.41
C PHE B 116 -20.04 28.87 9.79
N ILE B 117 -20.10 28.32 8.59
CA ILE B 117 -18.88 28.10 7.84
C ILE B 117 -18.16 29.38 7.41
N LEU B 118 -18.94 30.36 6.98
CA LEU B 118 -18.40 31.64 6.65
C LEU B 118 -17.82 32.28 7.88
N GLN B 119 -18.45 32.17 9.05
CA GLN B 119 -17.82 32.59 10.33
C GLN B 119 -16.50 31.87 10.70
N ASP B 120 -16.40 30.61 10.40
CA ASP B 120 -15.11 29.93 10.63
C ASP B 120 -14.04 30.49 9.69
N LEU B 121 -14.38 30.83 8.43
CA LEU B 121 -13.37 31.44 7.59
C LEU B 121 -13.04 32.81 8.06
N GLY B 122 -14.04 33.54 8.51
CA GLY B 122 -13.87 34.77 9.29
C GLY B 122 -13.66 36.00 8.37
N GLN C 5 33.50 -31.46 -17.31
CA GLN C 5 32.36 -31.01 -18.11
C GLN C 5 32.55 -31.79 -19.25
N PHE C 6 33.64 -31.44 -19.87
CA PHE C 6 33.80 -31.87 -21.23
C PHE C 6 33.42 -33.34 -21.57
N PRO C 7 33.95 -34.33 -21.04
CA PRO C 7 33.66 -35.59 -21.78
C PRO C 7 32.26 -36.13 -21.59
N PRO C 8 31.88 -36.97 -22.53
CA PRO C 8 30.64 -37.74 -22.43
C PRO C 8 30.60 -38.71 -21.27
N ILE C 9 29.51 -38.79 -20.53
CA ILE C 9 29.45 -39.73 -19.43
C ILE C 9 28.01 -40.11 -19.21
N ALA C 10 27.79 -41.38 -18.93
CA ALA C 10 26.52 -41.90 -18.79
C ALA C 10 25.94 -41.44 -17.45
N ALA C 11 24.61 -41.22 -17.42
CA ALA C 11 23.86 -40.86 -16.24
C ALA C 11 24.22 -41.72 -15.03
N GLN C 12 24.11 -43.04 -15.23
CA GLN C 12 24.39 -44.02 -14.20
C GLN C 12 25.87 -44.07 -13.84
N ASP C 13 26.76 -43.54 -14.68
CA ASP C 13 28.18 -43.51 -14.36
C ASP C 13 28.65 -42.25 -13.63
N LEU C 14 27.80 -41.28 -13.36
CA LEU C 14 28.32 -40.00 -12.79
C LEU C 14 28.82 -40.30 -11.35
N PRO C 15 29.95 -39.77 -11.01
CA PRO C 15 30.46 -39.79 -9.66
C PRO C 15 29.87 -38.65 -8.82
N PHE C 16 29.95 -38.90 -7.52
CA PHE C 16 29.75 -37.83 -6.54
C PHE C 16 28.45 -37.12 -6.79
N VAL C 17 27.41 -37.91 -7.02
CA VAL C 17 26.08 -37.44 -7.26
C VAL C 17 25.47 -36.89 -5.96
N ILE C 18 25.48 -35.58 -5.83
CA ILE C 18 24.85 -34.86 -4.67
C ILE C 18 23.32 -34.82 -4.67
N LYS C 19 22.73 -34.59 -5.85
CA LYS C 19 21.28 -34.60 -6.02
C LYS C 19 20.96 -34.93 -7.46
N ALA C 20 19.92 -35.72 -7.71
CA ALA C 20 19.49 -36.10 -9.07
C ALA C 20 17.98 -36.28 -9.07
N GLY C 21 17.37 -35.98 -10.21
CA GLY C 21 15.95 -36.22 -10.43
C GLY C 21 15.54 -35.55 -11.75
N TYR C 22 14.24 -35.70 -12.08
CA TYR C 22 13.61 -35.11 -13.26
C TYR C 22 13.20 -33.70 -12.93
N LEU C 23 13.53 -32.78 -13.83
CA LEU C 23 13.12 -31.42 -13.76
C LEU C 23 12.65 -31.03 -15.15
N GLU C 24 11.79 -30.02 -15.31
CA GLU C 24 11.75 -29.38 -16.60
C GLU C 24 12.75 -28.30 -16.70
N LYS C 25 13.48 -28.32 -17.80
CA LYS C 25 14.42 -27.23 -18.08
C LYS C 25 13.94 -26.33 -19.17
N ARG C 26 14.07 -25.03 -19.01
CA ARG C 26 13.61 -24.13 -20.01
C ARG C 26 14.63 -24.07 -21.12
N ARG C 27 14.15 -24.24 -22.35
CA ARG C 27 14.99 -24.28 -23.51
C ARG C 27 15.51 -22.89 -23.95
N LYS C 28 16.58 -22.84 -24.69
CA LYS C 28 17.06 -21.52 -25.20
C LYS C 28 16.82 -21.37 -26.70
N ASP C 29 16.40 -22.45 -27.38
CA ASP C 29 16.28 -22.44 -28.87
C ASP C 29 14.88 -22.10 -29.32
N HIS C 30 14.72 -21.63 -30.57
CA HIS C 30 13.44 -21.43 -31.21
C HIS C 30 12.55 -22.66 -31.24
N SER C 31 11.25 -22.53 -31.22
CA SER C 31 10.45 -23.68 -31.58
C SER C 31 9.16 -23.06 -32.16
N PHE C 32 8.42 -23.76 -33.00
CA PHE C 32 7.15 -23.33 -33.54
C PHE C 32 5.95 -23.52 -32.73
N LEU C 33 5.93 -24.57 -31.93
CA LEU C 33 4.76 -24.82 -31.11
C LEU C 33 4.89 -24.07 -29.77
N GLY C 34 6.04 -23.52 -29.46
CA GLY C 34 6.12 -22.68 -28.27
C GLY C 34 6.10 -23.40 -26.94
N PHE C 35 6.33 -24.71 -26.90
CA PHE C 35 6.61 -25.40 -25.63
C PHE C 35 8.02 -25.17 -25.11
N GLU C 36 8.18 -24.32 -24.13
CA GLU C 36 9.49 -23.97 -23.70
C GLU C 36 10.14 -24.89 -22.74
N TRP C 37 9.36 -25.72 -22.02
CA TRP C 37 9.89 -26.54 -20.95
C TRP C 37 10.12 -27.96 -21.32
N GLN C 38 11.34 -28.49 -21.11
CA GLN C 38 11.55 -29.89 -21.48
C GLN C 38 12.01 -30.73 -20.35
N LYS C 39 11.45 -31.92 -20.28
CA LYS C 39 11.74 -32.85 -19.22
C LYS C 39 13.13 -33.35 -19.34
N ARG C 40 13.90 -33.18 -18.24
CA ARG C 40 15.28 -33.67 -18.20
C ARG C 40 15.58 -34.38 -16.85
N TRP C 41 16.43 -35.37 -16.96
CA TRP C 41 17.06 -35.99 -15.77
C TRP C 41 18.27 -35.20 -15.47
N CYS C 42 18.19 -34.54 -14.30
CA CYS C 42 19.30 -33.63 -13.91
C CYS C 42 20.07 -34.16 -12.70
N ALA C 43 21.35 -33.96 -12.65
CA ALA C 43 22.21 -34.46 -11.66
C ALA C 43 23.35 -33.45 -11.46
N LEU C 44 23.52 -33.08 -10.20
CA LEU C 44 24.74 -32.39 -9.73
C LEU C 44 25.81 -33.40 -9.28
N SER C 45 26.89 -33.46 -10.08
CA SER C 45 28.01 -34.35 -9.89
C SER C 45 29.16 -33.52 -9.37
N LYS C 46 29.36 -33.59 -8.01
CA LYS C 46 30.08 -32.57 -7.33
C LYS C 46 29.78 -31.12 -7.70
N THR C 47 30.62 -30.41 -8.46
CA THR C 47 30.24 -29.07 -8.84
C THR C 47 29.76 -28.88 -10.33
N VAL C 48 29.48 -29.93 -11.05
CA VAL C 48 28.99 -29.74 -12.41
C VAL C 48 27.53 -30.30 -12.51
N PHE C 49 26.63 -29.50 -13.01
CA PHE C 49 25.26 -29.89 -13.25
C PHE C 49 25.08 -30.47 -14.63
N TYR C 50 24.64 -31.72 -14.71
CA TYR C 50 24.47 -32.47 -15.94
C TYR C 50 23.04 -32.66 -16.20
N TYR C 51 22.64 -32.61 -17.50
CA TYR C 51 21.23 -32.93 -17.81
C TYR C 51 21.16 -33.90 -19.03
N TYR C 52 20.24 -34.87 -18.90
CA TYR C 52 19.94 -35.92 -19.87
C TYR C 52 18.45 -35.93 -20.25
N GLY C 53 18.17 -36.67 -21.30
CA GLY C 53 16.86 -37.21 -21.61
C GLY C 53 16.25 -38.08 -20.58
N SER C 54 17.01 -39.10 -20.14
CA SER C 54 16.53 -39.99 -19.08
C SER C 54 17.66 -40.41 -18.15
N ASP C 55 17.34 -41.00 -17.00
CA ASP C 55 18.40 -41.52 -16.08
C ASP C 55 19.11 -42.77 -16.65
N LYS C 56 18.75 -43.20 -17.86
CA LYS C 56 19.47 -44.31 -18.46
C LYS C 56 20.29 -43.96 -19.66
N ASP C 57 20.37 -42.71 -19.99
CA ASP C 57 21.13 -42.31 -21.15
C ASP C 57 22.65 -42.57 -21.02
N LYS C 58 23.30 -42.70 -22.16
CA LYS C 58 24.73 -43.04 -22.28
C LYS C 58 25.55 -41.79 -22.33
N GLN C 59 24.88 -40.69 -22.56
CA GLN C 59 25.56 -39.46 -22.72
C GLN C 59 24.65 -38.27 -22.37
N GLN C 60 25.25 -37.18 -21.88
CA GLN C 60 24.47 -36.01 -21.43
C GLN C 60 24.06 -35.20 -22.62
N LYS C 61 23.01 -34.36 -22.55
CA LYS C 61 22.73 -33.37 -23.59
C LYS C 61 23.54 -32.12 -23.30
N GLY C 62 23.88 -31.87 -22.06
CA GLY C 62 24.75 -30.80 -21.75
C GLY C 62 25.05 -30.74 -20.22
N GLU C 63 25.90 -29.83 -19.79
CA GLU C 63 26.36 -29.68 -18.44
C GLU C 63 26.96 -28.30 -18.28
N PHE C 64 27.10 -27.84 -17.04
CA PHE C 64 27.78 -26.60 -16.73
C PHE C 64 28.28 -26.66 -15.31
N ALA C 65 29.43 -26.05 -15.11
CA ALA C 65 30.06 -25.90 -13.85
C ALA C 65 29.25 -24.85 -13.09
N ILE C 66 28.96 -25.08 -11.80
CA ILE C 66 28.16 -24.07 -11.06
C ILE C 66 28.97 -22.93 -10.46
N ASP C 67 30.30 -22.97 -10.63
CA ASP C 67 31.21 -21.95 -10.11
C ASP C 67 30.76 -20.55 -10.51
N GLY C 68 30.52 -19.67 -9.54
CA GLY C 68 30.26 -18.26 -9.82
C GLY C 68 28.81 -18.03 -9.97
N TYR C 69 27.96 -19.05 -9.72
CA TYR C 69 26.50 -18.84 -9.87
C TYR C 69 25.89 -18.53 -8.49
N ASP C 70 24.75 -17.87 -8.49
CA ASP C 70 23.76 -17.98 -7.46
C ASP C 70 22.54 -18.84 -7.91
N VAL C 71 21.64 -19.15 -6.97
CA VAL C 71 20.41 -19.82 -7.23
C VAL C 71 19.23 -19.29 -6.41
N ARG C 72 18.04 -19.23 -6.98
CA ARG C 72 16.87 -18.78 -6.24
C ARG C 72 15.60 -19.30 -6.87
N MET C 73 14.55 -19.21 -6.08
CA MET C 73 13.25 -19.37 -6.56
C MET C 73 12.86 -18.22 -7.44
N ASN C 74 12.00 -18.48 -8.45
CA ASN C 74 11.49 -17.46 -9.35
C ASN C 74 10.19 -17.87 -10.00
N ASN C 75 9.07 -17.38 -9.42
CA ASN C 75 7.75 -17.69 -9.87
C ASN C 75 7.26 -16.82 -10.97
N THR C 76 8.15 -16.11 -11.67
CA THR C 76 7.68 -15.33 -12.74
C THR C 76 8.06 -16.02 -14.07
N LEU C 77 8.69 -17.20 -14.02
CA LEU C 77 9.12 -17.79 -15.23
C LEU C 77 8.07 -18.48 -16.00
N ARG C 78 6.92 -18.76 -15.43
CA ARG C 78 5.82 -19.33 -16.23
C ARG C 78 4.63 -18.59 -15.74
N LYS C 79 3.44 -18.75 -16.34
CA LYS C 79 2.21 -18.05 -15.88
C LYS C 79 1.15 -19.03 -15.44
N ASP C 80 1.30 -20.28 -15.77
CA ASP C 80 0.37 -21.34 -15.42
C ASP C 80 0.59 -21.86 -13.95
N GLY C 81 -0.21 -22.82 -13.49
CA GLY C 81 -0.14 -23.27 -12.10
C GLY C 81 1.22 -23.85 -11.58
N LYS C 82 2.10 -24.19 -12.49
CA LYS C 82 3.39 -24.70 -12.14
C LYS C 82 4.39 -23.60 -11.70
N LYS C 83 4.01 -22.36 -11.79
CA LYS C 83 4.96 -21.28 -11.58
C LYS C 83 5.66 -21.27 -10.25
N ASP C 84 5.00 -21.86 -9.27
CA ASP C 84 5.50 -21.84 -7.96
C ASP C 84 6.54 -22.88 -7.77
N CYS C 85 6.72 -23.68 -8.82
CA CYS C 85 7.70 -24.72 -8.77
C CYS C 85 8.98 -24.31 -9.45
N CYS C 86 9.08 -23.05 -9.89
CA CYS C 86 10.22 -22.64 -10.71
C CYS C 86 11.41 -22.12 -9.95
N PHE C 87 12.64 -22.46 -10.37
CA PHE C 87 13.85 -21.85 -9.79
C PHE C 87 14.87 -21.70 -10.90
N GLU C 88 15.96 -20.98 -10.59
CA GLU C 88 17.00 -20.72 -11.54
C GLU C 88 18.34 -20.66 -10.94
N ILE C 89 19.32 -21.04 -11.74
CA ILE C 89 20.75 -20.94 -11.36
C ILE C 89 21.27 -19.74 -12.29
N CYS C 90 21.66 -18.65 -11.68
CA CYS C 90 21.79 -17.35 -12.36
C CYS C 90 22.96 -16.52 -11.90
N ALA C 91 23.47 -15.68 -12.81
CA ALA C 91 24.57 -14.72 -12.50
C ALA C 91 24.55 -13.62 -13.51
N PRO C 92 25.08 -12.43 -13.15
CA PRO C 92 25.13 -11.30 -14.09
C PRO C 92 25.87 -11.62 -15.42
N ASP C 93 26.85 -12.46 -15.41
CA ASP C 93 27.72 -12.52 -16.57
C ASP C 93 27.67 -13.87 -17.25
N LYS C 94 26.67 -14.71 -16.94
CA LYS C 94 26.65 -16.10 -17.42
C LYS C 94 25.29 -16.54 -17.93
N ARG C 95 25.28 -17.56 -18.72
CA ARG C 95 23.98 -18.12 -19.18
C ARG C 95 23.14 -18.53 -17.94
N ILE C 96 21.87 -18.08 -17.93
CA ILE C 96 20.94 -18.46 -16.96
C ILE C 96 20.32 -19.87 -17.30
N TYR C 97 20.17 -20.66 -16.29
CA TYR C 97 19.46 -21.93 -16.44
C TYR C 97 18.23 -21.89 -15.54
N GLN C 98 17.09 -22.33 -16.07
CA GLN C 98 15.86 -22.20 -15.44
C GLN C 98 15.07 -23.51 -15.47
N PHE C 99 14.35 -23.74 -14.36
CA PHE C 99 13.77 -25.07 -14.08
C PHE C 99 12.46 -25.02 -13.46
N THR C 100 11.67 -26.07 -13.71
CA THR C 100 10.36 -26.34 -13.05
C THR C 100 10.43 -27.68 -12.39
N ALA C 101 10.31 -27.69 -11.06
CA ALA C 101 10.41 -28.91 -10.28
C ALA C 101 8.92 -29.51 -10.13
N ALA C 102 8.83 -30.59 -9.38
CA ALA C 102 7.55 -31.37 -9.23
C ALA C 102 6.56 -30.69 -8.28
N SER C 103 7.03 -29.74 -7.43
CA SER C 103 6.23 -29.16 -6.35
C SER C 103 7.08 -27.96 -5.85
N PRO C 104 6.47 -26.90 -5.26
CA PRO C 104 7.31 -25.88 -4.54
C PRO C 104 8.40 -26.40 -3.64
N LYS C 105 8.10 -27.45 -2.91
CA LYS C 105 9.06 -28.00 -2.00
C LYS C 105 10.16 -28.69 -2.80
N ASP C 106 9.83 -29.40 -3.85
CA ASP C 106 10.94 -29.96 -4.74
C ASP C 106 11.90 -28.88 -5.15
N ALA C 107 11.34 -27.76 -5.52
CA ALA C 107 12.10 -26.66 -6.02
C ALA C 107 12.98 -26.13 -4.88
N GLU C 108 12.33 -25.85 -3.72
CA GLU C 108 13.08 -25.30 -2.59
C GLU C 108 14.21 -26.21 -2.20
N GLU C 109 13.97 -27.49 -2.31
CA GLU C 109 15.01 -28.39 -1.94
C GLU C 109 16.26 -28.42 -2.92
N TRP C 110 15.99 -28.34 -4.22
CA TRP C 110 17.01 -28.10 -5.23
C TRP C 110 17.79 -26.85 -4.95
N VAL C 111 17.10 -25.75 -4.63
CA VAL C 111 17.69 -24.47 -4.33
C VAL C 111 18.59 -24.54 -3.09
N GLN C 112 18.13 -25.20 -2.06
CA GLN C 112 18.89 -25.26 -0.84
C GLN C 112 20.09 -26.14 -1.01
N GLN C 113 19.95 -27.27 -1.73
CA GLN C 113 21.10 -28.11 -1.99
C GLN C 113 22.17 -27.48 -2.83
N LEU C 114 21.75 -26.75 -3.83
CA LEU C 114 22.67 -26.03 -4.75
C LEU C 114 23.38 -24.89 -4.02
N LYS C 115 22.59 -24.13 -3.27
CA LYS C 115 23.13 -23.12 -2.48
C LYS C 115 24.17 -23.59 -1.42
N PHE C 116 23.94 -24.73 -0.82
CA PHE C 116 24.90 -25.25 0.12
C PHE C 116 26.21 -25.48 -0.61
N ILE C 117 26.17 -26.07 -1.81
CA ILE C 117 27.39 -26.25 -2.55
C ILE C 117 28.09 -24.95 -2.96
N LEU C 118 27.33 -23.99 -3.49
CA LEU C 118 27.85 -22.70 -3.78
C LEU C 118 28.47 -21.99 -2.58
N GLN C 119 27.85 -22.18 -1.41
CA GLN C 119 28.42 -21.65 -0.16
C GLN C 119 29.76 -22.35 0.27
N ASP C 120 29.87 -23.64 0.09
CA ASP C 120 31.19 -24.33 0.29
C ASP C 120 32.25 -23.79 -0.64
N LEU C 121 31.90 -23.47 -1.88
CA LEU C 121 32.89 -22.95 -2.79
C LEU C 121 33.27 -21.53 -2.38
N GLY C 122 32.25 -20.80 -2.02
CA GLY C 122 32.39 -19.59 -1.24
C GLY C 122 32.64 -18.43 -2.26
N GLN D 5 -1.63 7.01 32.73
CA GLN D 5 -1.56 5.74 31.99
C GLN D 5 -2.94 5.26 31.48
N PHE D 6 -4.07 5.95 31.80
CA PHE D 6 -5.42 5.33 31.60
C PHE D 6 -6.45 6.01 30.60
N PRO D 7 -6.86 7.27 30.82
CA PRO D 7 -7.67 8.01 29.82
C PRO D 7 -7.34 7.84 28.27
N PRO D 8 -8.40 7.72 27.43
CA PRO D 8 -8.36 8.19 26.02
C PRO D 8 -7.96 9.68 25.80
N ILE D 9 -7.07 9.86 24.83
CA ILE D 9 -6.43 11.13 24.50
C ILE D 9 -5.87 11.02 23.02
N ALA D 10 -6.14 12.02 22.20
CA ALA D 10 -5.65 12.06 20.83
C ALA D 10 -4.19 12.18 20.83
N ALA D 11 -3.55 11.73 19.76
CA ALA D 11 -2.13 11.93 19.59
C ALA D 11 -1.70 13.38 19.63
N GLN D 12 -2.54 14.27 19.07
CA GLN D 12 -2.25 15.69 19.01
C GLN D 12 -2.40 16.35 20.35
N ASP D 13 -3.03 15.65 21.30
CA ASP D 13 -3.41 16.23 22.59
C ASP D 13 -2.45 15.82 23.73
N LEU D 14 -1.46 14.99 23.39
CA LEU D 14 -0.48 14.58 24.37
C LEU D 14 0.41 15.73 24.88
N PRO D 15 0.42 15.85 26.22
CA PRO D 15 1.24 16.82 26.95
C PRO D 15 2.73 16.46 27.08
N PHE D 16 3.58 17.48 27.07
CA PHE D 16 5.02 17.31 27.32
C PHE D 16 5.72 16.23 26.46
N VAL D 17 5.41 16.27 25.19
CA VAL D 17 5.98 15.20 24.33
C VAL D 17 7.48 15.30 24.26
N ILE D 18 8.14 14.33 24.85
CA ILE D 18 9.60 14.31 24.82
C ILE D 18 10.15 13.81 23.47
N LYS D 19 9.55 12.74 22.96
CA LYS D 19 9.92 12.32 21.63
C LYS D 19 8.73 11.62 21.06
N ALA D 20 8.71 11.61 19.72
CA ALA D 20 7.70 10.85 19.00
C ALA D 20 8.05 10.68 17.56
N GLY D 21 7.39 9.74 16.90
CA GLY D 21 7.83 9.33 15.54
C GLY D 21 7.20 8.01 15.32
N TYR D 22 7.08 7.66 14.04
CA TYR D 22 6.62 6.32 13.67
C TYR D 22 7.75 5.28 13.95
N LEU D 23 7.32 4.15 14.44
CA LEU D 23 8.17 2.99 14.52
C LEU D 23 7.32 1.79 14.22
N GLU D 24 7.95 0.66 13.99
CA GLU D 24 7.10 -0.50 13.85
C GLU D 24 7.13 -1.25 15.13
N LYS D 25 5.98 -1.60 15.68
CA LYS D 25 5.93 -2.31 16.93
C LYS D 25 5.49 -3.73 16.66
N ARG D 26 6.07 -4.66 17.39
CA ARG D 26 5.84 -6.04 17.16
C ARG D 26 4.55 -6.47 17.88
N ARG D 27 3.68 -7.22 17.19
CA ARG D 27 2.38 -7.66 17.73
C ARG D 27 2.60 -8.75 18.77
N LYS D 28 1.64 -8.94 19.70
CA LYS D 28 1.90 -9.86 20.85
C LYS D 28 1.83 -11.37 20.52
N ASP D 29 0.75 -11.81 19.88
CA ASP D 29 0.71 -13.23 19.52
C ASP D 29 1.22 -13.44 18.07
N HIS D 30 0.85 -14.58 17.46
CA HIS D 30 1.16 -14.85 16.05
C HIS D 30 -0.08 -14.75 15.12
N SER D 31 -1.28 -14.72 15.74
CA SER D 31 -2.58 -14.89 15.04
C SER D 31 -3.12 -13.58 14.46
N PHE D 32 -2.20 -12.76 13.97
CA PHE D 32 -2.54 -11.49 13.29
C PHE D 32 -3.31 -11.62 11.98
N LEU D 33 -4.07 -10.56 11.67
CA LEU D 33 -3.94 -9.89 10.36
C LEU D 33 -3.13 -8.63 10.67
N GLY D 34 -2.47 -8.16 9.65
CA GLY D 34 -1.53 -7.10 9.78
C GLY D 34 -0.21 -7.82 9.68
N PHE D 35 0.78 -6.99 9.81
CA PHE D 35 2.11 -7.40 9.65
C PHE D 35 2.55 -7.87 11.07
N GLU D 36 3.61 -8.67 11.11
CA GLU D 36 4.22 -9.01 12.37
C GLU D 36 4.66 -7.72 13.13
N TRP D 37 5.33 -6.84 12.39
CA TRP D 37 5.68 -5.47 12.84
C TRP D 37 4.75 -4.42 12.22
N GLN D 38 3.98 -3.73 13.02
CA GLN D 38 2.88 -2.83 12.53
C GLN D 38 3.30 -1.36 12.73
N LYS D 39 3.06 -0.53 11.69
CA LYS D 39 3.38 0.88 11.78
C LYS D 39 2.52 1.44 12.93
N ARG D 40 3.18 2.18 13.79
CA ARG D 40 2.55 2.90 14.91
C ARG D 40 3.21 4.24 15.14
N TRP D 41 2.39 5.28 15.37
CA TRP D 41 2.89 6.53 15.84
C TRP D 41 3.04 6.42 17.38
N CYS D 42 4.22 6.76 17.85
CA CYS D 42 4.66 6.44 19.19
C CYS D 42 5.12 7.73 19.81
N ALA D 43 4.74 7.97 21.06
CA ALA D 43 5.02 9.21 21.75
C ALA D 43 5.39 9.06 23.22
N LEU D 44 6.44 9.70 23.67
CA LEU D 44 6.75 9.52 25.09
C LEU D 44 6.31 10.83 25.74
N SER D 45 5.13 10.80 26.36
CA SER D 45 4.62 11.94 27.12
C SER D 45 4.89 11.76 28.63
N LYS D 46 5.84 12.58 29.06
CA LYS D 46 6.33 12.61 30.41
C LYS D 46 7.01 11.21 30.59
N THR D 47 6.39 10.30 31.35
CA THR D 47 6.93 8.94 31.50
C THR D 47 5.97 7.83 31.08
N VAL D 48 4.95 8.21 30.29
CA VAL D 48 3.99 7.28 29.71
C VAL D 48 4.26 7.14 28.20
N PHE D 49 4.30 5.92 27.74
CA PHE D 49 4.68 5.67 26.35
C PHE D 49 3.36 5.43 25.64
N TYR D 50 3.04 6.29 24.68
CA TYR D 50 1.80 6.05 23.88
C TYR D 50 2.09 5.49 22.45
N TYR D 51 1.22 4.58 22.02
CA TYR D 51 1.18 4.14 20.65
C TYR D 51 -0.20 4.24 19.89
N TYR D 52 -0.14 4.79 18.67
CA TYR D 52 -1.38 4.97 17.82
C TYR D 52 -1.21 4.33 16.40
N GLY D 53 -2.32 4.15 15.71
CA GLY D 53 -2.31 3.92 14.26
C GLY D 53 -1.55 5.04 13.55
N SER D 54 -1.75 6.26 14.02
CA SER D 54 -1.26 7.42 13.27
C SER D 54 -1.11 8.64 14.20
N ASP D 55 -0.31 9.60 13.74
CA ASP D 55 -0.20 10.88 14.39
C ASP D 55 -1.53 11.76 14.43
N LYS D 56 -2.63 11.31 13.83
CA LYS D 56 -3.87 12.09 13.87
C LYS D 56 -5.03 11.26 14.45
N ASP D 57 -4.67 10.16 15.11
CA ASP D 57 -5.65 9.31 15.73
C ASP D 57 -6.23 10.05 16.90
N LYS D 58 -7.45 9.70 17.29
CA LYS D 58 -8.25 10.41 18.30
C LYS D 58 -8.07 9.78 19.69
N GLN D 59 -7.88 8.46 19.65
CA GLN D 59 -7.62 7.59 20.79
C GLN D 59 -6.38 6.72 20.50
N GLN D 60 -5.58 6.39 21.52
CA GLN D 60 -4.45 5.42 21.39
C GLN D 60 -4.87 3.93 21.37
N LYS D 61 -4.03 3.12 20.72
CA LYS D 61 -4.24 1.66 20.75
C LYS D 61 -3.90 1.14 22.14
N GLY D 62 -3.09 1.90 22.85
CA GLY D 62 -2.72 1.53 24.19
C GLY D 62 -1.55 2.36 24.62
N GLU D 63 -1.06 2.04 25.81
CA GLU D 63 0.01 2.81 26.39
C GLU D 63 0.60 2.11 27.60
N PHE D 64 1.69 2.63 28.10
CA PHE D 64 2.32 1.98 29.26
C PHE D 64 3.29 2.94 29.92
N ALA D 65 3.27 2.95 31.26
CA ALA D 65 4.21 3.74 32.09
C ALA D 65 5.53 3.08 31.97
N ILE D 66 6.59 3.89 31.89
CA ILE D 66 7.92 3.36 31.64
C ILE D 66 8.75 3.14 32.92
N ASP D 67 8.12 2.77 34.06
CA ASP D 67 8.84 2.62 35.37
C ASP D 67 9.24 1.21 35.70
N GLY D 68 10.54 1.11 36.09
CA GLY D 68 11.24 -0.16 36.27
C GLY D 68 11.91 -0.62 34.98
N TYR D 69 11.37 -0.20 33.81
CA TYR D 69 11.80 -0.63 32.44
C TYR D 69 13.24 -0.23 32.13
N ASP D 70 13.93 -1.12 31.41
CA ASP D 70 15.18 -0.76 30.77
C ASP D 70 14.90 -0.77 29.27
N VAL D 71 15.91 -0.32 28.55
CA VAL D 71 15.80 -0.19 27.15
C VAL D 71 17.19 -0.42 26.54
N ARG D 72 17.22 -1.16 25.42
CA ARG D 72 18.49 -1.43 24.66
C ARG D 72 18.19 -1.79 23.23
N MET D 73 19.11 -1.52 22.36
CA MET D 73 19.23 -2.17 21.04
C MET D 73 19.22 -3.71 21.24
N ASN D 74 18.74 -4.45 20.24
CA ASN D 74 18.65 -5.88 20.24
C ASN D 74 18.52 -6.30 18.78
N ASN D 75 19.57 -6.88 18.24
CA ASN D 75 19.57 -7.17 16.87
C ASN D 75 19.13 -8.55 16.68
N THR D 76 18.46 -9.16 17.62
CA THR D 76 18.00 -10.49 17.38
C THR D 76 16.49 -10.52 17.13
N LEU D 77 15.89 -9.39 16.87
CA LEU D 77 14.44 -9.34 16.96
C LEU D 77 13.89 -9.62 15.58
N ARG D 78 14.73 -9.43 14.60
CA ARG D 78 14.40 -9.88 13.27
C ARG D 78 15.63 -10.58 12.78
N LYS D 79 15.47 -11.16 11.59
CA LYS D 79 16.50 -11.95 10.94
C LYS D 79 16.91 -11.32 9.60
N ASP D 80 16.12 -10.36 9.13
CA ASP D 80 16.43 -9.60 7.91
C ASP D 80 17.29 -8.26 8.06
N GLY D 81 17.24 -7.42 7.04
CA GLY D 81 18.22 -6.35 6.93
C GLY D 81 17.89 -5.17 7.83
N LYS D 82 16.67 -5.17 8.40
CA LYS D 82 16.28 -4.16 9.39
C LYS D 82 16.73 -4.54 10.80
N LYS D 83 17.52 -5.64 10.92
CA LYS D 83 17.85 -6.18 12.21
C LYS D 83 18.75 -5.24 13.04
N ASP D 84 19.34 -4.28 12.38
CA ASP D 84 20.15 -3.26 13.03
C ASP D 84 19.33 -2.00 13.42
N CYS D 85 18.05 -2.02 13.14
CA CYS D 85 17.17 -0.96 13.61
C CYS D 85 16.29 -1.28 14.81
N CYS D 86 16.61 -2.29 15.61
CA CYS D 86 15.66 -2.82 16.56
C CYS D 86 16.11 -2.46 17.97
N PHE D 87 15.14 -2.10 18.80
CA PHE D 87 15.33 -1.93 20.22
C PHE D 87 14.15 -2.40 20.98
N GLU D 88 14.31 -2.50 22.29
CA GLU D 88 13.22 -2.93 23.10
C GLU D 88 13.17 -2.19 24.47
N ILE D 89 11.96 -2.15 25.05
CA ILE D 89 11.66 -1.60 26.36
C ILE D 89 11.26 -2.83 27.14
N CYS D 90 12.14 -3.20 28.10
CA CYS D 90 11.99 -4.46 28.81
C CYS D 90 12.47 -4.46 30.23
N ALA D 91 12.03 -5.53 30.91
CA ALA D 91 12.15 -5.70 32.36
C ALA D 91 11.81 -7.16 32.67
N PRO D 92 12.39 -7.68 33.74
CA PRO D 92 12.15 -9.06 34.22
C PRO D 92 10.67 -9.52 34.31
N ASP D 93 9.89 -8.77 35.08
CA ASP D 93 8.52 -9.12 35.45
C ASP D 93 7.50 -8.78 34.36
N LYS D 94 7.55 -7.54 33.87
CA LYS D 94 6.39 -6.98 33.14
C LYS D 94 6.48 -7.15 31.60
N ARG D 95 5.57 -6.47 30.91
CA ARG D 95 5.36 -6.72 29.49
C ARG D 95 6.48 -6.09 28.65
N ILE D 96 6.93 -6.87 27.68
CA ILE D 96 8.04 -6.51 26.82
C ILE D 96 7.53 -5.84 25.51
N TYR D 97 8.16 -4.73 25.13
CA TYR D 97 7.74 -3.97 23.96
C TYR D 97 8.91 -3.77 22.98
N GLN D 98 8.77 -4.26 21.76
CA GLN D 98 9.83 -4.27 20.75
C GLN D 98 9.37 -3.51 19.49
N PHE D 99 10.33 -2.84 18.95
CA PHE D 99 10.19 -1.89 17.94
C PHE D 99 11.29 -1.88 16.85
N THR D 100 10.93 -1.46 15.66
CA THR D 100 11.87 -1.22 14.62
C THR D 100 11.82 0.24 14.19
N ALA D 101 12.96 0.88 14.19
CA ALA D 101 13.08 2.21 13.71
C ALA D 101 13.50 2.33 12.24
N ALA D 102 13.60 3.59 11.81
CA ALA D 102 13.98 3.86 10.44
C ALA D 102 15.38 3.36 10.06
N SER D 103 16.30 3.49 10.99
CA SER D 103 17.71 3.37 10.71
C SER D 103 18.44 3.00 12.02
N PRO D 104 19.70 2.56 12.02
CA PRO D 104 20.42 2.42 13.30
C PRO D 104 20.38 3.67 14.20
N LYS D 105 20.79 4.82 13.67
CA LYS D 105 20.73 6.10 14.39
C LYS D 105 19.37 6.40 15.00
N ASP D 106 18.33 6.25 14.20
CA ASP D 106 16.99 6.50 14.73
C ASP D 106 16.70 5.69 15.99
N ALA D 107 17.07 4.40 15.96
CA ALA D 107 16.81 3.49 17.09
C ALA D 107 17.74 3.77 18.28
N GLU D 108 18.99 4.20 18.04
CA GLU D 108 19.86 4.54 19.19
C GLU D 108 19.32 5.84 19.99
N GLU D 109 18.78 6.80 19.25
CA GLU D 109 18.29 8.08 19.78
C GLU D 109 17.04 7.78 20.56
N TRP D 110 16.18 6.90 20.04
CA TRP D 110 15.08 6.40 20.86
C TRP D 110 15.49 5.77 22.23
N VAL D 111 16.55 4.94 22.22
CA VAL D 111 17.13 4.21 23.37
C VAL D 111 17.76 5.22 24.32
N GLN D 112 18.61 6.07 23.76
CA GLN D 112 19.25 7.17 24.46
C GLN D 112 18.20 8.03 25.15
N GLN D 113 17.40 8.71 24.33
CA GLN D 113 16.30 9.43 24.87
C GLN D 113 15.52 8.63 25.93
N LEU D 114 15.18 7.37 25.71
CA LEU D 114 14.49 6.62 26.77
C LEU D 114 15.42 6.38 28.05
N LYS D 115 16.73 6.32 27.80
CA LYS D 115 17.75 6.13 28.85
C LYS D 115 17.74 7.31 29.84
N PHE D 116 18.01 8.53 29.34
CA PHE D 116 18.06 9.79 30.16
C PHE D 116 16.99 9.84 31.22
N ILE D 117 15.79 9.55 30.79
CA ILE D 117 14.60 9.72 31.61
C ILE D 117 14.37 8.52 32.53
N LEU D 118 14.76 7.34 32.09
CA LEU D 118 14.82 6.25 33.03
C LEU D 118 15.86 6.47 34.19
N GLN D 119 16.72 7.48 34.06
CA GLN D 119 17.77 7.75 35.05
C GLN D 119 17.40 8.81 36.12
#